data_6PT7
#
_entry.id   6PT7
#
_cell.length_a   112.538
_cell.length_b   112.538
_cell.length_c   314.634
_cell.angle_alpha   90.000
_cell.angle_beta   90.000
_cell.angle_gamma   90.000
#
_symmetry.space_group_name_H-M   'I 41 2 2'
#
loop_
_entity.id
_entity.type
_entity.pdbx_description
1 polymer Catalase
2 non-polymer 'NADP NICOTINAMIDE-ADENINE-DINUCLEOTIDE PHOSPHATE'
3 non-polymer 'PROTOPORPHYRIN IX CONTAINING FE'
4 non-polymer 'CHLORIDE ION'
5 non-polymer 'UNKNOWN LIGAND'
6 water water
#
_entity_poly.entity_id   1
_entity_poly.type   'polypeptide(L)'
_entity_poly.pdbx_seq_one_letter_code
;KCPVTHLTTDAGAPVVDNQNSMTAGARGPLLAQDLWLNEKLGNFVREVIPERR(OMT)HAKGSGAFGTFTVTHDITQYTR
AKLFSEIGKKTDIFVRFSTVAGERGAADAERDIRGFAMKFYTEEGNWDLVGNNTPVFFLRDARKFPDLNKAVKRDPKTNK
RSATNNWDFWTLLPEALHQVTIVMSDRGIPDGYRHMHGFGSHTFSFINANNERFWVKFHMRTQQGIKNLTDAEAEAIIAK
DRESSQTDLFDAIERGDFPKWKMYVQIMPELDAEKVPYHPFDLTKVWPKGDYPLIEVGEFELNRNPENYFQDVEQAAFAP
SNLVPGISFSPDRMLQARLFNYADAARYRVGVNHYQIPVNAPRCPVHSNRRDGQGRTDGNYGALPHYEPNSFSQWQEQPQ
YKEPPLKISGAADFWDYREDDNDYFSQPRALFNLMNDQQKQALFDNTAAAMGDALDFIKYRHIRNCYACDPAYGEGVAKA
LGMTVADAQAARATDPAQGNPGLL
;
_entity_poly.pdbx_strand_id   A
#
loop_
_chem_comp.id
_chem_comp.type
_chem_comp.name
_chem_comp.formula
CL non-polymer 'CHLORIDE ION' 'Cl -1'
HEM non-polymer 'PROTOPORPHYRIN IX CONTAINING FE' 'C34 H32 Fe N4 O4'
NAP non-polymer 'NADP NICOTINAMIDE-ADENINE-DINUCLEOTIDE PHOSPHATE' 'C21 H28 N7 O17 P3'
UNX non-polymer 'UNKNOWN ATOM OR ION' ?
#
# COMPACT_ATOMS: atom_id res chain seq x y z
N LYS A 1 14.02 -9.01 -29.82
CA LYS A 1 14.65 -8.83 -31.15
C LYS A 1 15.99 -9.58 -31.16
N CYS A 2 16.70 -9.49 -32.28
CA CYS A 2 18.02 -10.08 -32.57
C CYS A 2 17.83 -11.55 -32.95
N PRO A 3 18.13 -12.57 -32.11
CA PRO A 3 18.32 -13.90 -32.67
C PRO A 3 16.96 -14.34 -33.25
N VAL A 4 16.92 -14.65 -34.54
CA VAL A 4 15.76 -15.29 -35.24
C VAL A 4 15.16 -16.39 -34.36
N THR A 5 13.84 -16.42 -34.18
CA THR A 5 13.17 -17.53 -33.46
C THR A 5 12.17 -18.19 -34.39
N HIS A 6 12.10 -19.51 -34.28
CA HIS A 6 11.17 -20.36 -35.04
C HIS A 6 10.06 -20.82 -34.09
N LEU A 7 8.82 -20.43 -34.41
CA LEU A 7 7.57 -20.74 -33.67
C LEU A 7 7.42 -22.25 -33.41
N THR A 8 7.19 -22.62 -32.15
CA THR A 8 6.82 -24.00 -31.74
C THR A 8 5.57 -23.97 -30.88
N THR A 9 4.99 -25.14 -30.63
CA THR A 9 3.94 -25.35 -29.63
C THR A 9 4.62 -25.32 -28.24
N ASP A 10 3.83 -25.33 -27.15
CA ASP A 10 4.39 -25.42 -25.78
C ASP A 10 5.24 -26.68 -25.67
N ALA A 11 4.88 -27.76 -26.36
CA ALA A 11 5.56 -29.07 -26.28
C ALA A 11 6.81 -29.10 -27.18
N GLY A 12 7.09 -27.99 -27.88
CA GLY A 12 8.26 -27.83 -28.76
C GLY A 12 8.08 -28.41 -30.17
N ALA A 13 6.85 -28.66 -30.64
CA ALA A 13 6.62 -29.13 -32.02
C ALA A 13 6.63 -27.93 -32.95
N PRO A 14 7.32 -28.01 -34.10
CA PRO A 14 7.30 -26.93 -35.09
C PRO A 14 5.88 -26.58 -35.54
N VAL A 15 5.63 -25.29 -35.70
CA VAL A 15 4.37 -24.77 -36.25
C VAL A 15 4.62 -24.49 -37.73
N VAL A 16 3.80 -25.12 -38.57
CA VAL A 16 3.92 -25.10 -40.05
C VAL A 16 3.47 -23.74 -40.59
N ASP A 17 2.29 -23.29 -40.21
CA ASP A 17 1.65 -22.05 -40.73
C ASP A 17 1.09 -21.28 -39.54
N ASN A 18 1.46 -20.02 -39.42
CA ASN A 18 0.97 -19.11 -38.36
C ASN A 18 0.09 -18.06 -38.98
N GLN A 19 -0.24 -18.13 -40.29
CA GLN A 19 -1.09 -17.13 -40.99
C GLN A 19 -2.44 -17.76 -41.37
N ASN A 20 -2.46 -19.05 -41.72
CA ASN A 20 -3.70 -19.70 -42.21
C ASN A 20 -4.10 -20.81 -41.25
N SER A 21 -5.40 -20.91 -40.99
CA SER A 21 -6.03 -22.03 -40.24
C SER A 21 -6.27 -23.21 -41.19
N MET A 22 -6.46 -24.40 -40.63
CA MET A 22 -6.66 -25.64 -41.42
C MET A 22 -8.16 -25.79 -41.73
N THR A 23 -8.53 -25.85 -43.01
CA THR A 23 -9.92 -25.78 -43.52
C THR A 23 -10.18 -26.90 -44.51
N ALA A 24 -11.45 -27.24 -44.67
CA ALA A 24 -11.95 -28.28 -45.59
C ALA A 24 -12.15 -27.57 -46.92
N GLY A 25 -11.09 -27.44 -47.68
CA GLY A 25 -11.10 -26.61 -48.92
C GLY A 25 -10.85 -25.16 -48.59
N ALA A 26 -10.46 -24.35 -49.57
CA ALA A 26 -9.96 -22.98 -49.35
C ALA A 26 -11.02 -22.08 -48.74
N ARG A 27 -12.27 -22.17 -49.17
CA ARG A 27 -13.37 -21.41 -48.52
C ARG A 27 -14.28 -22.31 -47.69
N GLY A 28 -13.75 -23.41 -47.16
CA GLY A 28 -14.55 -24.31 -46.32
C GLY A 28 -14.42 -24.05 -44.83
N PRO A 29 -15.20 -24.82 -44.05
CA PRO A 29 -15.25 -24.73 -42.59
C PRO A 29 -13.93 -25.14 -41.94
N LEU A 30 -13.72 -24.67 -40.69
CA LEU A 30 -12.50 -24.90 -39.88
C LEU A 30 -12.50 -26.33 -39.34
N LEU A 31 -11.33 -26.95 -39.27
CA LEU A 31 -11.18 -28.34 -38.79
C LEU A 31 -10.72 -28.30 -37.32
N ALA A 32 -11.21 -29.24 -36.53
CA ALA A 32 -10.82 -29.45 -35.12
C ALA A 32 -9.35 -29.87 -35.05
N GLN A 33 -8.82 -30.49 -36.10
CA GLN A 33 -7.43 -31.03 -36.07
C GLN A 33 -6.42 -29.88 -36.31
N ASP A 34 -6.83 -28.61 -36.37
CA ASP A 34 -5.89 -27.45 -36.36
C ASP A 34 -5.34 -27.26 -34.94
N LEU A 35 -4.35 -28.06 -34.55
CA LEU A 35 -3.87 -28.18 -33.17
C LEU A 35 -3.31 -26.82 -32.72
N TRP A 36 -2.49 -26.19 -33.56
CA TRP A 36 -1.86 -24.89 -33.18
C TRP A 36 -2.94 -23.85 -32.87
N LEU A 37 -4.01 -23.78 -33.66
CA LEU A 37 -5.06 -22.78 -33.37
C LEU A 37 -5.72 -23.05 -32.00
N ASN A 38 -6.08 -24.29 -31.73
CA ASN A 38 -6.70 -24.73 -30.45
C ASN A 38 -5.82 -24.26 -29.29
N GLU A 39 -4.53 -24.62 -29.34
CA GLU A 39 -3.53 -24.27 -28.30
C GLU A 39 -3.37 -22.75 -28.18
N LYS A 40 -3.21 -22.07 -29.30
CA LYS A 40 -2.90 -20.62 -29.34
C LYS A 40 -4.06 -19.88 -28.69
N LEU A 41 -5.30 -20.26 -29.00
CA LEU A 41 -6.53 -19.54 -28.55
C LEU A 41 -6.93 -19.99 -27.15
N GLY A 42 -6.82 -21.28 -26.80
CA GLY A 42 -7.10 -21.80 -25.45
C GLY A 42 -6.20 -21.15 -24.39
N ASN A 43 -4.93 -20.98 -24.70
CA ASN A 43 -3.95 -20.33 -23.80
C ASN A 43 -4.26 -18.82 -23.75
N PHE A 44 -4.50 -18.19 -24.88
CA PHE A 44 -4.85 -16.75 -25.03
C PHE A 44 -5.95 -16.29 -24.06
N VAL A 45 -7.02 -17.08 -23.89
CA VAL A 45 -8.18 -16.65 -23.06
C VAL A 45 -7.89 -16.95 -21.57
N ARG A 46 -6.67 -17.36 -21.22
CA ARG A 46 -6.30 -17.63 -19.80
C ARG A 46 -5.09 -16.80 -19.41
N GLU A 47 -4.81 -15.71 -20.13
CA GLU A 47 -3.65 -14.87 -19.80
C GLU A 47 -3.96 -13.98 -18.57
N VAL A 48 -5.21 -13.57 -18.38
CA VAL A 48 -5.62 -12.54 -17.39
C VAL A 48 -5.88 -13.25 -16.06
N ILE A 49 -5.28 -12.73 -14.99
CA ILE A 49 -5.58 -13.06 -13.56
C ILE A 49 -6.37 -11.92 -12.93
N PRO A 50 -7.00 -12.12 -11.77
CA PRO A 50 -7.69 -11.01 -11.09
C PRO A 50 -6.73 -9.86 -10.78
N GLU A 51 -7.17 -8.62 -10.98
CA GLU A 51 -6.44 -7.45 -10.47
C GLU A 51 -6.48 -7.46 -8.93
N ARG A 52 -5.57 -6.70 -8.31
CA ARG A 52 -5.56 -6.50 -6.83
C ARG A 52 -6.89 -5.87 -6.40
N ARG A 53 -7.47 -6.35 -5.30
CA ARG A 53 -8.73 -5.79 -4.76
C ARG A 53 -8.54 -4.32 -4.39
N OMT A 54 -7.28 -3.92 -4.10
CA OMT A 54 -6.91 -2.54 -3.80
CB OMT A 54 -6.84 -2.34 -2.27
CG OMT A 54 -7.08 -0.91 -1.77
SD OMT A 54 -8.80 -0.45 -1.64
CE OMT A 54 -8.84 0.82 -0.44
C OMT A 54 -5.54 -2.29 -4.43
O OMT A 54 -4.73 -3.21 -4.49
OD1 OMT A 54 -9.52 -1.60 -1.15
OD2 OMT A 54 -9.18 0.12 -2.89
N HIS A 55 -5.28 -1.05 -4.91
CA HIS A 55 -4.02 -0.66 -5.52
C HIS A 55 -3.73 -1.45 -6.81
N ALA A 56 -4.75 -1.66 -7.65
CA ALA A 56 -4.67 -2.43 -8.92
C ALA A 56 -3.74 -1.77 -9.94
N LYS A 57 -3.78 -0.45 -10.08
CA LYS A 57 -2.89 0.32 -10.99
C LYS A 57 -1.54 0.58 -10.32
N GLY A 58 -0.43 0.22 -10.97
CA GLY A 58 0.93 0.37 -10.41
C GLY A 58 2.10 0.35 -11.37
N SER A 59 3.26 0.75 -10.88
CA SER A 59 4.56 0.68 -11.59
C SER A 59 5.62 0.09 -10.67
N GLY A 60 6.52 -0.70 -11.22
CA GLY A 60 7.53 -1.43 -10.43
C GLY A 60 8.94 -1.12 -10.89
N ALA A 61 9.92 -1.32 -10.01
CA ALA A 61 11.36 -1.28 -10.37
C ALA A 61 12.19 -2.05 -9.34
N PHE A 62 13.33 -2.56 -9.81
CA PHE A 62 14.37 -3.19 -8.96
C PHE A 62 15.39 -2.09 -8.61
N GLY A 63 16.14 -2.31 -7.54
CA GLY A 63 17.05 -1.31 -6.97
C GLY A 63 17.89 -1.91 -5.86
N THR A 64 18.62 -1.06 -5.13
CA THR A 64 19.41 -1.53 -3.96
C THR A 64 19.26 -0.52 -2.80
N PHE A 65 19.40 -1.05 -1.60
CA PHE A 65 19.42 -0.32 -0.31
C PHE A 65 20.81 -0.46 0.31
N THR A 66 21.38 0.64 0.78
CA THR A 66 22.72 0.64 1.45
C THR A 66 22.55 1.22 2.85
N VAL A 67 23.03 0.50 3.87
CA VAL A 67 23.11 1.04 5.26
C VAL A 67 24.16 2.17 5.29
N THR A 68 23.77 3.35 5.78
CA THR A 68 24.70 4.50 5.98
C THR A 68 24.96 4.78 7.46
N HIS A 69 24.11 4.31 8.38
CA HIS A 69 24.20 4.60 9.84
C HIS A 69 24.01 3.33 10.67
N ASP A 70 24.55 3.32 11.89
CA ASP A 70 24.49 2.16 12.80
C ASP A 70 23.24 2.30 13.67
N ILE A 71 22.33 1.33 13.64
CA ILE A 71 21.17 1.24 14.56
C ILE A 71 21.10 -0.16 15.16
N THR A 72 22.21 -0.90 15.19
CA THR A 72 22.25 -2.29 15.71
C THR A 72 21.97 -2.36 17.22
N GLN A 73 22.01 -1.23 17.92
CA GLN A 73 21.72 -1.23 19.38
C GLN A 73 20.20 -1.42 19.54
N TYR A 74 19.42 -1.06 18.52
CA TYR A 74 17.94 -1.16 18.53
C TYR A 74 17.44 -2.43 17.84
N THR A 75 18.13 -2.90 16.80
CA THR A 75 17.63 -4.02 15.96
C THR A 75 18.75 -4.99 15.62
N ARG A 76 18.48 -6.27 15.80
CA ARG A 76 19.40 -7.33 15.32
C ARG A 76 19.12 -7.66 13.85
N ALA A 77 18.31 -6.91 13.09
CA ALA A 77 17.96 -7.31 11.71
C ALA A 77 19.22 -7.36 10.84
N LYS A 78 19.40 -8.47 10.11
CA LYS A 78 20.69 -8.78 9.46
C LYS A 78 20.97 -7.78 8.33
N LEU A 79 19.95 -7.22 7.67
CA LEU A 79 20.20 -6.30 6.52
C LEU A 79 20.79 -4.97 7.03
N PHE A 80 20.63 -4.68 8.32
CA PHE A 80 21.10 -3.44 8.97
C PHE A 80 22.40 -3.66 9.76
N SER A 81 22.95 -4.87 9.78
CA SER A 81 24.04 -5.29 10.70
C SER A 81 25.32 -4.47 10.49
N GLU A 82 25.59 -3.86 9.34
CA GLU A 82 26.86 -3.10 9.16
C GLU A 82 26.67 -1.94 8.20
N ILE A 83 27.39 -0.87 8.47
CA ILE A 83 27.47 0.31 7.57
C ILE A 83 28.07 -0.18 6.25
N GLY A 84 27.51 0.22 5.11
CA GLY A 84 27.98 -0.23 3.79
C GLY A 84 27.26 -1.45 3.26
N LYS A 85 26.65 -2.29 4.11
CA LYS A 85 25.90 -3.49 3.66
C LYS A 85 24.77 -3.14 2.66
N LYS A 86 24.80 -3.77 1.49
CA LYS A 86 23.87 -3.52 0.35
C LYS A 86 22.82 -4.63 0.32
N THR A 87 21.53 -4.32 0.19
CA THR A 87 20.44 -5.33 0.00
C THR A 87 19.70 -4.97 -1.29
N ASP A 88 19.42 -5.97 -2.12
CA ASP A 88 18.59 -5.81 -3.36
C ASP A 88 17.12 -5.66 -2.98
N ILE A 89 16.43 -4.80 -3.70
CA ILE A 89 15.00 -4.55 -3.41
C ILE A 89 14.19 -4.55 -4.71
N PHE A 90 12.90 -4.84 -4.55
CA PHE A 90 11.85 -4.55 -5.53
C PHE A 90 10.87 -3.59 -4.88
N VAL A 91 10.41 -2.58 -5.61
CA VAL A 91 9.39 -1.60 -5.16
C VAL A 91 8.25 -1.55 -6.19
N ARG A 92 7.00 -1.67 -5.73
CA ARG A 92 5.80 -1.33 -6.53
C ARG A 92 5.15 -0.08 -5.92
N PHE A 93 5.00 0.94 -6.73
CA PHE A 93 4.17 2.15 -6.48
C PHE A 93 2.80 1.92 -7.10
N SER A 94 1.76 2.56 -6.57
CA SER A 94 0.36 2.40 -7.04
C SER A 94 -0.48 3.62 -6.67
N THR A 95 -1.61 3.80 -7.33
CA THR A 95 -2.82 4.46 -6.79
C THR A 95 -3.61 3.44 -5.93
N VAL A 96 -4.80 3.81 -5.46
CA VAL A 96 -5.59 2.94 -4.53
C VAL A 96 -6.91 2.55 -5.20
N ALA A 97 -7.69 3.51 -5.70
CA ALA A 97 -9.08 3.27 -6.12
C ALA A 97 -9.17 2.87 -7.60
N GLY A 98 -8.20 3.26 -8.43
CA GLY A 98 -8.22 2.94 -9.88
C GLY A 98 -8.17 1.44 -10.14
N GLU A 99 -8.94 0.96 -11.13
CA GLU A 99 -8.77 -0.43 -11.67
C GLU A 99 -7.54 -0.45 -12.59
N ARG A 100 -7.20 -1.61 -13.15
CA ARG A 100 -6.02 -1.79 -14.06
C ARG A 100 -5.87 -0.64 -15.05
N GLY A 101 -6.94 -0.12 -15.65
CA GLY A 101 -6.76 0.81 -16.78
C GLY A 101 -6.80 2.28 -16.40
N ALA A 102 -7.07 2.55 -15.13
CA ALA A 102 -7.49 3.87 -14.63
C ALA A 102 -6.32 4.85 -14.75
N ALA A 103 -6.59 6.15 -14.72
CA ALA A 103 -5.54 7.19 -14.82
C ALA A 103 -4.58 7.13 -13.63
N ASP A 104 -3.32 7.43 -13.89
CA ASP A 104 -2.25 7.46 -12.85
C ASP A 104 -2.39 8.71 -11.98
N ALA A 105 -2.77 9.85 -12.58
CA ALA A 105 -2.70 11.20 -11.96
C ALA A 105 -4.05 11.59 -11.36
N GLU A 106 -4.67 10.66 -10.62
CA GLU A 106 -5.89 10.95 -9.82
C GLU A 106 -5.50 11.47 -8.42
N ARG A 107 -6.45 12.15 -7.78
CA ARG A 107 -6.34 12.60 -6.35
C ARG A 107 -6.60 11.37 -5.49
N ASP A 108 -5.57 10.80 -4.86
CA ASP A 108 -5.68 9.50 -4.16
C ASP A 108 -4.43 9.38 -3.29
N ILE A 109 -4.44 8.47 -2.32
CA ILE A 109 -3.19 7.97 -1.71
C ILE A 109 -2.38 7.32 -2.83
N ARG A 110 -1.04 7.28 -2.68
CA ARG A 110 -0.18 6.38 -3.48
C ARG A 110 0.41 5.28 -2.60
N GLY A 111 0.46 4.07 -3.12
CA GLY A 111 1.17 2.93 -2.49
C GLY A 111 2.68 3.01 -2.71
N PHE A 112 3.44 2.57 -1.72
CA PHE A 112 4.91 2.61 -1.70
C PHE A 112 5.35 1.29 -1.09
N ALA A 113 5.29 0.22 -1.88
CA ALA A 113 5.52 -1.16 -1.38
C ALA A 113 6.95 -1.60 -1.68
N MET A 114 7.66 -2.02 -0.63
CA MET A 114 9.09 -2.36 -0.69
C MET A 114 9.28 -3.82 -0.28
N LYS A 115 10.06 -4.57 -1.06
CA LYS A 115 10.48 -5.96 -0.76
C LYS A 115 12.01 -5.94 -0.65
N PHE A 116 12.54 -6.32 0.50
CA PHE A 116 14.00 -6.40 0.76
C PHE A 116 14.43 -7.87 0.80
N TYR A 117 15.33 -8.28 -0.09
CA TYR A 117 15.74 -9.70 -0.22
C TYR A 117 16.89 -9.95 0.75
N THR A 118 16.58 -10.34 1.95
CA THR A 118 17.47 -10.29 3.12
C THR A 118 18.02 -11.70 3.34
N GLU A 119 19.08 -11.85 4.11
CA GLU A 119 19.69 -13.19 4.37
C GLU A 119 18.83 -13.96 5.36
N GLU A 120 17.89 -13.33 6.06
CA GLU A 120 16.99 -14.07 6.97
C GLU A 120 15.52 -13.86 6.55
N GLY A 121 15.26 -13.74 5.24
CA GLY A 121 13.90 -13.70 4.67
C GLY A 121 13.59 -12.43 3.90
N ASN A 122 12.52 -12.43 3.10
CA ASN A 122 12.12 -11.17 2.41
C ASN A 122 11.41 -10.35 3.47
N TRP A 123 11.74 -9.09 3.55
CA TRP A 123 11.05 -8.15 4.45
C TRP A 123 10.25 -7.25 3.54
N ASP A 124 8.92 -7.31 3.67
CA ASP A 124 8.03 -6.39 2.93
C ASP A 124 7.66 -5.25 3.88
N LEU A 125 8.02 -4.02 3.51
CA LEU A 125 7.52 -2.78 4.11
C LEU A 125 6.48 -2.21 3.16
N VAL A 126 5.21 -2.52 3.40
CA VAL A 126 4.08 -2.25 2.47
C VAL A 126 3.50 -0.88 2.83
N GLY A 127 4.08 0.18 2.31
CA GLY A 127 3.79 1.54 2.79
C GLY A 127 2.91 2.35 1.88
N ASN A 128 2.61 3.60 2.32
CA ASN A 128 1.83 4.62 1.57
C ASN A 128 2.64 5.93 1.53
N ASN A 129 2.21 6.89 0.72
CA ASN A 129 2.90 8.19 0.57
C ASN A 129 2.37 9.14 1.65
N THR A 130 1.81 8.60 2.74
CA THR A 130 1.23 9.35 3.88
C THR A 130 1.54 8.60 5.18
N PRO A 131 1.88 9.32 6.27
CA PRO A 131 2.20 8.66 7.54
C PRO A 131 0.99 8.07 8.27
N VAL A 132 -0.22 8.45 7.86
CA VAL A 132 -1.48 8.01 8.51
C VAL A 132 -2.43 7.44 7.45
N PHE A 133 -3.64 7.07 7.88
CA PHE A 133 -4.69 6.49 7.03
C PHE A 133 -6.03 7.00 7.54
N PHE A 134 -7.10 6.74 6.79
CA PHE A 134 -8.46 7.21 7.13
C PHE A 134 -8.99 6.46 8.37
N LEU A 135 -8.55 5.21 8.60
CA LEU A 135 -9.22 4.29 9.55
C LEU A 135 -8.23 3.85 10.61
N ARG A 136 -8.73 3.37 11.76
CA ARG A 136 -7.88 2.81 12.83
C ARG A 136 -8.37 1.42 13.27
N ASP A 137 -9.42 0.87 12.66
CA ASP A 137 -9.85 -0.55 12.89
C ASP A 137 -10.17 -1.18 11.53
N ALA A 138 -9.73 -2.41 11.30
CA ALA A 138 -9.84 -3.06 9.98
C ALA A 138 -11.31 -3.35 9.62
N ARG A 139 -12.22 -3.36 10.61
CA ARG A 139 -13.69 -3.51 10.37
C ARG A 139 -14.10 -2.65 9.16
N LYS A 140 -13.50 -1.47 9.04
CA LYS A 140 -13.97 -0.42 8.13
C LYS A 140 -13.28 -0.51 6.76
N PHE A 141 -12.36 -1.48 6.54
CA PHE A 141 -11.53 -1.43 5.31
C PHE A 141 -12.34 -1.81 4.07
N PRO A 142 -13.14 -2.90 4.11
CA PRO A 142 -13.99 -3.25 2.98
C PRO A 142 -14.98 -2.12 2.63
N ASP A 143 -15.44 -1.40 3.65
CA ASP A 143 -16.40 -0.28 3.49
C ASP A 143 -15.70 0.86 2.79
N LEU A 144 -14.44 1.10 3.12
CA LEU A 144 -13.64 2.16 2.45
C LEU A 144 -13.46 1.77 0.99
N ASN A 145 -13.20 0.48 0.71
CA ASN A 145 -13.07 -0.05 -0.67
C ASN A 145 -14.32 0.39 -1.48
N LYS A 146 -15.51 0.03 -1.02
CA LYS A 146 -16.79 0.36 -1.70
C LYS A 146 -16.99 1.87 -1.81
N ALA A 147 -16.70 2.60 -0.74
CA ALA A 147 -16.94 4.07 -0.72
C ALA A 147 -16.06 4.79 -1.77
N VAL A 148 -14.81 4.39 -1.94
CA VAL A 148 -13.90 5.16 -2.83
C VAL A 148 -13.94 4.57 -4.25
N LYS A 149 -14.63 3.44 -4.45
CA LYS A 149 -14.70 2.78 -5.80
C LYS A 149 -16.05 3.05 -6.46
N ARG A 150 -16.61 2.06 -7.16
CA ARG A 150 -17.76 2.29 -8.04
C ARG A 150 -19.05 1.93 -7.29
N ASP A 151 -20.11 2.71 -7.49
CA ASP A 151 -21.46 2.43 -6.96
C ASP A 151 -21.95 1.11 -7.55
N PRO A 152 -22.68 0.25 -6.82
CA PRO A 152 -23.00 -1.08 -7.33
C PRO A 152 -23.93 -1.03 -8.54
N LYS A 153 -24.59 0.11 -8.73
CA LYS A 153 -25.52 0.27 -9.87
C LYS A 153 -24.97 1.24 -10.91
N THR A 154 -24.47 2.42 -10.57
CA THR A 154 -24.03 3.35 -11.65
C THR A 154 -22.69 2.89 -12.23
N ASN A 155 -22.03 1.96 -11.57
CA ASN A 155 -20.63 1.59 -11.88
C ASN A 155 -19.73 2.84 -12.04
N LYS A 156 -19.97 3.92 -11.30
CA LYS A 156 -19.07 5.10 -11.27
C LYS A 156 -18.71 5.44 -9.83
N ARG A 157 -17.60 6.17 -9.68
CA ARG A 157 -17.26 6.83 -8.40
C ARG A 157 -18.50 7.60 -7.96
N SER A 158 -18.77 7.68 -6.66
CA SER A 158 -19.94 8.40 -6.08
C SER A 158 -19.47 9.30 -4.94
N ALA A 159 -19.55 10.62 -5.13
CA ALA A 159 -19.17 11.58 -4.08
C ALA A 159 -20.09 11.33 -2.88
N THR A 160 -21.37 11.08 -3.13
CA THR A 160 -22.30 10.75 -2.04
C THR A 160 -21.79 9.52 -1.28
N ASN A 161 -21.48 8.39 -1.94
CA ASN A 161 -21.07 7.18 -1.16
C ASN A 161 -19.79 7.53 -0.39
N ASN A 162 -18.87 8.23 -1.05
CA ASN A 162 -17.48 8.40 -0.56
C ASN A 162 -17.51 9.30 0.66
N TRP A 163 -18.26 10.42 0.59
CA TRP A 163 -18.27 11.47 1.63
C TRP A 163 -19.28 11.15 2.74
N ASP A 164 -20.35 10.43 2.45
CA ASP A 164 -21.22 9.89 3.53
C ASP A 164 -20.33 9.09 4.49
N PHE A 165 -19.59 8.12 3.96
CA PHE A 165 -18.64 7.27 4.72
C PHE A 165 -17.59 8.11 5.46
N TRP A 166 -16.84 8.92 4.73
CA TRP A 166 -15.76 9.72 5.33
C TRP A 166 -16.30 10.62 6.46
N THR A 167 -17.42 11.32 6.27
CA THR A 167 -17.87 12.36 7.24
C THR A 167 -18.42 11.70 8.52
N LEU A 168 -18.83 10.44 8.44
CA LEU A 168 -19.29 9.61 9.59
C LEU A 168 -18.11 8.96 10.34
N LEU A 169 -16.87 9.23 9.91
CA LEU A 169 -15.63 8.81 10.60
C LEU A 169 -14.81 10.06 10.92
N PRO A 170 -15.03 10.71 12.07
CA PRO A 170 -14.27 11.93 12.39
C PRO A 170 -12.76 11.61 12.46
N GLU A 171 -12.37 10.40 12.84
CA GLU A 171 -10.93 10.00 12.92
C GLU A 171 -10.25 10.14 11.55
N ALA A 172 -11.03 10.06 10.47
CA ALA A 172 -10.58 10.12 9.05
C ALA A 172 -10.17 11.54 8.66
N LEU A 173 -10.43 12.56 9.46
CA LEU A 173 -10.21 13.93 8.94
C LEU A 173 -8.72 14.14 8.68
N HIS A 174 -7.84 13.47 9.42
CA HIS A 174 -6.39 13.67 9.24
C HIS A 174 -6.03 13.28 7.79
N GLN A 175 -6.38 12.07 7.36
CA GLN A 175 -5.97 11.58 6.01
C GLN A 175 -6.76 12.32 4.92
N VAL A 176 -8.02 12.67 5.21
CA VAL A 176 -8.85 13.49 4.29
C VAL A 176 -8.13 14.80 4.04
N THR A 177 -7.63 15.42 5.08
CA THR A 177 -6.89 16.70 4.93
C THR A 177 -5.66 16.48 4.03
N ILE A 178 -4.91 15.39 4.22
CA ILE A 178 -3.65 15.10 3.47
C ILE A 178 -3.99 14.91 1.97
N VAL A 179 -5.00 14.10 1.66
CA VAL A 179 -5.35 13.71 0.26
C VAL A 179 -6.08 14.87 -0.43
N MET A 180 -6.72 15.77 0.34
CA MET A 180 -7.31 16.99 -0.26
C MET A 180 -6.28 18.12 -0.30
N SER A 181 -5.08 17.95 0.26
CA SER A 181 -4.03 19.00 0.18
C SER A 181 -3.37 18.95 -1.21
N ASP A 182 -2.36 19.76 -1.43
CA ASP A 182 -1.62 19.72 -2.72
C ASP A 182 -0.94 18.36 -2.89
N ARG A 183 -0.66 17.64 -1.81
CA ARG A 183 0.06 16.35 -1.90
C ARG A 183 -0.86 15.17 -2.25
N GLY A 184 -2.17 15.37 -2.36
CA GLY A 184 -3.10 14.35 -2.88
C GLY A 184 -2.83 13.93 -4.33
N ILE A 185 -2.10 14.73 -5.12
CA ILE A 185 -1.62 14.38 -6.49
C ILE A 185 -0.13 14.68 -6.60
N PRO A 186 0.73 13.73 -6.23
CA PRO A 186 2.16 13.86 -6.51
C PRO A 186 2.41 13.85 -8.03
N ASP A 187 3.45 14.57 -8.44
CA ASP A 187 3.95 14.61 -9.82
C ASP A 187 4.79 13.35 -10.05
N GLY A 188 4.13 12.19 -10.02
CA GLY A 188 4.78 10.90 -10.23
C GLY A 188 5.36 10.36 -8.93
N TYR A 189 5.78 9.11 -8.96
CA TYR A 189 6.19 8.34 -7.76
C TYR A 189 7.53 8.86 -7.25
N ARG A 190 8.35 9.49 -8.08
CA ARG A 190 9.72 9.96 -7.66
C ARG A 190 9.66 11.21 -6.77
N HIS A 191 8.57 11.98 -6.79
CA HIS A 191 8.39 13.25 -6.03
C HIS A 191 7.39 13.09 -4.88
N MET A 192 7.41 11.93 -4.21
CA MET A 192 6.57 11.71 -3.00
C MET A 192 7.41 10.97 -1.97
N HIS A 193 7.08 11.14 -0.69
CA HIS A 193 7.68 10.32 0.39
C HIS A 193 6.92 8.98 0.50
N GLY A 194 7.54 8.04 1.21
CA GLY A 194 6.91 6.80 1.67
C GLY A 194 6.97 6.71 3.18
N PHE A 195 6.13 5.87 3.76
CA PHE A 195 5.98 5.67 5.23
C PHE A 195 5.53 4.24 5.44
N GLY A 196 5.96 3.59 6.53
CA GLY A 196 5.32 2.36 7.00
C GLY A 196 3.93 2.66 7.54
N SER A 197 3.69 3.94 7.86
CA SER A 197 2.46 4.48 8.50
C SER A 197 2.28 3.85 9.90
N HIS A 198 2.09 2.53 9.99
CA HIS A 198 1.93 1.84 11.30
C HIS A 198 3.18 2.01 12.15
N THR A 199 2.96 1.90 13.47
CA THR A 199 3.98 1.54 14.45
C THR A 199 4.36 0.06 14.28
N PHE A 200 5.65 -0.20 14.07
CA PHE A 200 6.20 -1.57 14.04
C PHE A 200 7.01 -1.74 15.33
N SER A 201 7.71 -2.87 15.46
CA SER A 201 8.68 -3.12 16.54
C SER A 201 10.07 -3.46 15.96
N PHE A 202 11.12 -3.04 16.68
CA PHE A 202 12.51 -3.56 16.56
C PHE A 202 12.79 -4.44 17.79
N ILE A 203 13.59 -5.48 17.61
CA ILE A 203 14.10 -6.33 18.71
C ILE A 203 15.62 -6.40 18.54
N ASN A 204 16.38 -6.05 19.58
CA ASN A 204 17.87 -6.03 19.50
C ASN A 204 18.36 -7.39 19.98
N ALA A 205 19.67 -7.60 19.90
CA ALA A 205 20.35 -8.85 20.28
C ALA A 205 20.13 -9.12 21.77
N ASN A 206 19.93 -8.07 22.58
CA ASN A 206 19.55 -8.26 24.01
C ASN A 206 18.10 -8.68 24.21
N ASN A 207 17.32 -8.86 23.16
CA ASN A 207 15.92 -9.27 23.36
C ASN A 207 15.14 -8.10 24.00
N GLU A 208 15.54 -6.85 23.75
CA GLU A 208 14.75 -5.65 24.12
C GLU A 208 13.89 -5.23 22.92
N ARG A 209 12.64 -4.81 23.17
CA ARG A 209 11.68 -4.29 22.16
C ARG A 209 11.70 -2.76 22.12
N PHE A 210 11.68 -2.19 20.93
CA PHE A 210 11.35 -0.76 20.67
C PHE A 210 10.15 -0.68 19.71
N TRP A 211 9.31 0.33 19.87
CA TRP A 211 8.30 0.68 18.86
C TRP A 211 8.98 1.62 17.87
N VAL A 212 8.59 1.52 16.59
CA VAL A 212 9.31 2.17 15.46
C VAL A 212 8.32 2.57 14.36
N LYS A 213 8.63 3.69 13.73
CA LYS A 213 7.97 4.21 12.53
C LYS A 213 9.05 4.45 11.46
N PHE A 214 8.80 3.99 10.23
CA PHE A 214 9.66 4.18 9.05
C PHE A 214 9.16 5.37 8.21
N HIS A 215 10.08 6.27 7.90
CA HIS A 215 9.92 7.41 6.95
C HIS A 215 10.92 7.19 5.82
N MET A 216 10.45 7.27 4.57
CA MET A 216 11.29 7.20 3.36
C MET A 216 11.16 8.53 2.63
N ARG A 217 12.21 9.34 2.66
CA ARG A 217 12.10 10.75 2.20
C ARG A 217 12.73 10.90 0.81
N THR A 218 11.99 11.53 -0.10
CA THR A 218 12.38 11.61 -1.52
C THR A 218 13.55 12.59 -1.61
N GLN A 219 14.65 12.18 -2.25
CA GLN A 219 15.84 13.00 -2.59
C GLN A 219 15.60 13.78 -3.90
N GLN A 220 14.45 13.65 -4.53
CA GLN A 220 14.10 14.39 -5.77
C GLN A 220 13.18 15.58 -5.39
N GLY A 221 12.71 15.64 -4.14
CA GLY A 221 11.89 16.77 -3.67
C GLY A 221 10.42 16.50 -3.86
N ILE A 222 9.61 16.86 -2.87
CA ILE A 222 8.12 16.90 -2.96
C ILE A 222 7.76 17.81 -4.13
N LYS A 223 6.90 17.31 -5.02
CA LYS A 223 6.43 18.04 -6.23
C LYS A 223 5.05 17.49 -6.53
N ASN A 224 4.10 18.37 -6.83
CA ASN A 224 2.66 18.03 -6.92
C ASN A 224 2.01 18.55 -8.21
N LEU A 225 0.81 18.11 -8.52
CA LEU A 225 0.02 18.67 -9.63
C LEU A 225 -1.26 19.22 -9.02
N THR A 226 -1.70 20.37 -9.48
CA THR A 226 -3.05 20.88 -9.18
C THR A 226 -4.04 19.99 -9.91
N ASP A 227 -5.32 20.10 -9.55
CA ASP A 227 -6.44 19.40 -10.22
C ASP A 227 -6.35 19.66 -11.73
N ALA A 228 -6.13 20.90 -12.15
CA ALA A 228 -6.14 21.30 -13.57
C ALA A 228 -4.94 20.69 -14.28
N GLU A 229 -3.76 20.77 -13.68
CA GLU A 229 -2.54 20.20 -14.30
C GLU A 229 -2.72 18.69 -14.47
N ALA A 230 -3.25 18.01 -13.46
CA ALA A 230 -3.49 16.55 -13.49
C ALA A 230 -4.43 16.20 -14.66
N GLU A 231 -5.55 16.90 -14.77
CA GLU A 231 -6.62 16.69 -15.78
C GLU A 231 -6.01 16.77 -17.21
N ALA A 232 -5.16 17.76 -17.44
CA ALA A 232 -4.44 18.00 -18.72
C ALA A 232 -3.48 16.84 -19.01
N ILE A 233 -2.82 16.32 -17.99
CA ILE A 233 -1.90 15.16 -18.20
C ILE A 233 -2.74 13.93 -18.54
N ILE A 234 -3.89 13.74 -17.89
CA ILE A 234 -4.77 12.53 -18.06
C ILE A 234 -5.30 12.52 -19.50
N ALA A 235 -5.67 13.68 -20.03
CA ALA A 235 -6.18 13.87 -21.41
C ALA A 235 -5.18 13.30 -22.43
N LYS A 236 -3.89 13.40 -22.18
CA LYS A 236 -2.85 12.81 -23.05
C LYS A 236 -2.51 11.37 -22.64
N ASP A 237 -2.36 11.07 -21.35
CA ASP A 237 -1.67 9.86 -20.81
C ASP A 237 -2.34 9.40 -19.50
N ARG A 238 -3.00 8.25 -19.56
CA ARG A 238 -3.52 7.57 -18.36
C ARG A 238 -2.39 6.85 -17.62
N GLU A 239 -1.20 6.75 -18.23
CA GLU A 239 -0.03 5.97 -17.73
C GLU A 239 1.13 6.92 -17.37
N SER A 240 0.83 8.21 -17.09
CA SER A 240 1.79 9.32 -16.79
C SER A 240 2.86 8.94 -15.77
N SER A 241 2.52 8.22 -14.72
CA SER A 241 3.48 7.84 -13.66
C SER A 241 4.37 6.70 -14.14
N GLN A 242 3.86 5.78 -14.97
CA GLN A 242 4.66 4.67 -15.53
C GLN A 242 5.68 5.31 -16.50
N THR A 243 5.20 6.24 -17.32
CA THR A 243 6.01 6.96 -18.33
C THR A 243 7.19 7.61 -17.61
N ASP A 244 6.86 8.43 -16.60
CA ASP A 244 7.80 9.21 -15.77
C ASP A 244 8.91 8.31 -15.19
N LEU A 245 8.52 7.22 -14.53
CA LEU A 245 9.43 6.36 -13.73
C LEU A 245 10.27 5.51 -14.67
N PHE A 246 9.62 4.82 -15.61
CA PHE A 246 10.32 3.99 -16.63
C PHE A 246 11.36 4.85 -17.37
N ASP A 247 10.97 6.06 -17.81
CA ASP A 247 11.81 6.96 -18.64
C ASP A 247 13.02 7.40 -17.84
N ALA A 248 12.80 7.84 -16.60
CA ALA A 248 13.85 8.21 -15.65
C ALA A 248 14.88 7.09 -15.50
N ILE A 249 14.43 5.86 -15.25
CA ILE A 249 15.41 4.76 -15.03
C ILE A 249 16.12 4.49 -16.35
N GLU A 250 15.40 4.60 -17.48
CA GLU A 250 15.94 4.17 -18.81
C GLU A 250 17.07 5.14 -19.13
N ARG A 251 16.96 6.41 -18.75
CA ARG A 251 18.04 7.39 -19.07
C ARG A 251 19.08 7.50 -17.94
N GLY A 252 19.13 6.58 -16.99
CA GLY A 252 20.15 6.52 -15.93
C GLY A 252 19.93 7.53 -14.80
N ASP A 253 18.75 8.14 -14.74
CA ASP A 253 18.37 9.18 -13.76
C ASP A 253 17.61 8.52 -12.58
N PHE A 254 18.33 7.67 -11.85
CA PHE A 254 17.79 6.73 -10.84
C PHE A 254 17.26 7.49 -9.65
N PRO A 255 15.98 7.32 -9.25
CA PRO A 255 15.46 8.00 -8.07
C PRO A 255 15.93 7.34 -6.75
N LYS A 256 16.19 8.19 -5.76
CA LYS A 256 16.78 7.83 -4.45
C LYS A 256 15.82 8.30 -3.35
N TRP A 257 15.71 7.52 -2.28
CA TRP A 257 15.05 7.90 -1.01
C TRP A 257 16.05 7.66 0.11
N LYS A 258 15.96 8.45 1.18
CA LYS A 258 16.63 8.15 2.47
C LYS A 258 15.60 7.60 3.45
N MET A 259 16.02 6.57 4.13
CA MET A 259 15.24 5.88 5.17
C MET A 259 15.62 6.37 6.58
N TYR A 260 14.64 6.80 7.34
CA TYR A 260 14.78 7.14 8.76
C TYR A 260 13.81 6.33 9.61
N VAL A 261 14.04 6.31 10.92
CA VAL A 261 13.15 5.67 11.91
C VAL A 261 12.95 6.61 13.09
N GLN A 262 11.74 6.57 13.64
CA GLN A 262 11.42 7.10 14.97
C GLN A 262 11.51 5.89 15.88
N ILE A 263 12.23 5.99 17.00
CA ILE A 263 12.39 4.85 17.94
C ILE A 263 11.86 5.25 19.31
N MET A 264 11.03 4.39 19.88
CA MET A 264 10.30 4.61 21.13
C MET A 264 10.54 3.36 21.95
N PRO A 265 11.15 3.46 23.15
CA PRO A 265 11.27 2.28 24.02
C PRO A 265 9.89 1.72 24.39
N GLU A 266 9.82 0.42 24.57
CA GLU A 266 8.53 -0.30 24.75
C GLU A 266 7.68 0.48 25.77
N LEU A 267 8.22 0.72 26.97
CA LEU A 267 7.52 1.35 28.12
C LEU A 267 7.00 2.75 27.77
N ASP A 268 7.57 3.44 26.80
CA ASP A 268 7.11 4.80 26.45
C ASP A 268 5.67 4.76 25.91
N ALA A 269 5.22 3.63 25.37
CA ALA A 269 3.88 3.51 24.75
C ALA A 269 2.79 3.76 25.80
N GLU A 270 3.05 3.52 27.08
CA GLU A 270 2.07 3.76 28.16
C GLU A 270 2.32 5.15 28.75
N LYS A 271 3.31 5.90 28.29
CA LYS A 271 3.65 7.22 28.88
C LYS A 271 3.26 8.35 27.91
N VAL A 272 3.00 8.09 26.63
CA VAL A 272 2.68 9.20 25.68
C VAL A 272 1.20 9.59 25.79
N PRO A 273 0.88 10.89 25.60
CA PRO A 273 -0.51 11.37 25.64
C PRO A 273 -1.39 11.07 24.42
N TYR A 274 -0.79 10.63 23.31
CA TYR A 274 -1.48 10.20 22.06
C TYR A 274 -1.43 8.67 22.04
N HIS A 275 -2.47 8.01 21.50
CA HIS A 275 -2.50 6.53 21.25
C HIS A 275 -1.37 6.23 20.28
N PRO A 276 -0.37 5.45 20.72
CA PRO A 276 0.83 5.23 19.93
C PRO A 276 0.66 4.19 18.80
N PHE A 277 -0.46 3.45 18.80
CA PHE A 277 -0.78 2.41 17.78
C PHE A 277 -2.00 2.82 16.93
N ASP A 278 -2.32 4.11 16.88
CA ASP A 278 -3.54 4.63 16.19
C ASP A 278 -3.09 5.17 14.83
N LEU A 279 -3.49 4.47 13.77
CA LEU A 279 -3.02 4.75 12.40
C LEU A 279 -3.49 6.13 11.93
N THR A 280 -4.47 6.77 12.57
CA THR A 280 -4.92 8.16 12.25
C THR A 280 -4.01 9.21 12.90
N LYS A 281 -3.01 8.78 13.67
CA LYS A 281 -2.07 9.67 14.40
C LYS A 281 -0.61 9.31 14.08
N VAL A 282 0.18 10.36 13.88
CA VAL A 282 1.67 10.35 13.89
C VAL A 282 2.21 10.49 15.33
N TRP A 283 3.51 10.23 15.46
CA TRP A 283 4.37 10.64 16.58
C TRP A 283 5.07 11.94 16.23
N PRO A 284 4.81 13.04 16.98
CA PRO A 284 5.51 14.30 16.77
C PRO A 284 7.04 14.13 16.78
N LYS A 285 7.69 14.77 15.82
CA LYS A 285 9.15 14.64 15.57
C LYS A 285 9.95 15.28 16.70
N GLY A 286 9.34 16.26 17.38
CA GLY A 286 9.86 16.88 18.60
C GLY A 286 9.95 15.89 19.75
N ASP A 287 9.02 14.95 19.85
CA ASP A 287 9.10 13.86 20.85
C ASP A 287 10.04 12.76 20.34
N TYR A 288 9.96 12.37 19.07
CA TYR A 288 10.72 11.23 18.53
C TYR A 288 11.31 11.66 17.21
N PRO A 289 12.52 12.25 17.22
CA PRO A 289 13.13 12.75 16.00
C PRO A 289 13.55 11.59 15.09
N LEU A 290 13.62 11.88 13.79
CA LEU A 290 14.05 10.94 12.73
C LEU A 290 15.50 10.52 13.00
N ILE A 291 15.80 9.24 13.02
CA ILE A 291 17.19 8.70 13.06
C ILE A 291 17.50 8.08 11.69
N GLU A 292 18.54 8.54 11.00
CA GLU A 292 18.94 8.09 9.64
C GLU A 292 19.47 6.65 9.70
N VAL A 293 19.19 5.85 8.67
CA VAL A 293 19.50 4.38 8.62
C VAL A 293 20.27 4.10 7.32
N GLY A 294 19.70 4.51 6.18
CA GLY A 294 20.26 4.16 4.87
C GLY A 294 19.60 4.90 3.74
N GLU A 295 19.91 4.45 2.53
CA GLU A 295 19.49 5.09 1.26
C GLU A 295 19.22 3.95 0.26
N PHE A 296 18.15 4.09 -0.54
CA PHE A 296 17.84 3.12 -1.63
C PHE A 296 17.66 3.90 -2.92
N GLU A 297 18.02 3.25 -4.03
CA GLU A 297 17.75 3.76 -5.40
C GLU A 297 17.09 2.65 -6.20
N LEU A 298 16.21 3.08 -7.11
CA LEU A 298 15.60 2.22 -8.14
C LEU A 298 16.37 2.45 -9.44
N ASN A 299 16.96 1.39 -9.98
CA ASN A 299 17.97 1.51 -11.05
C ASN A 299 17.75 0.48 -12.19
N ARG A 300 16.71 -0.36 -12.17
CA ARG A 300 16.48 -1.38 -13.21
C ARG A 300 14.96 -1.59 -13.45
N ASN A 301 14.50 -1.29 -14.67
CA ASN A 301 13.14 -1.55 -15.20
C ASN A 301 12.99 -3.06 -15.36
N PRO A 302 11.91 -3.74 -14.88
CA PRO A 302 11.78 -5.18 -15.14
C PRO A 302 11.72 -5.50 -16.65
N GLU A 303 12.20 -6.68 -17.05
CA GLU A 303 12.19 -7.14 -18.46
C GLU A 303 10.74 -7.41 -18.90
N ASN A 304 9.90 -7.95 -17.99
CA ASN A 304 8.48 -8.33 -18.23
C ASN A 304 7.59 -7.81 -17.08
N TYR A 305 6.67 -6.89 -17.39
CA TYR A 305 5.77 -6.24 -16.43
C TYR A 305 4.90 -7.31 -15.78
N PHE A 306 4.26 -8.18 -16.55
CA PHE A 306 3.35 -9.16 -15.91
C PHE A 306 4.16 -10.02 -14.94
N GLN A 307 5.32 -10.54 -15.33
CA GLN A 307 5.97 -11.56 -14.48
C GLN A 307 6.48 -10.95 -13.15
N ASP A 308 6.96 -9.71 -13.19
CA ASP A 308 7.69 -9.05 -12.08
C ASP A 308 6.82 -8.04 -11.35
N VAL A 309 5.94 -7.31 -12.05
CA VAL A 309 5.13 -6.24 -11.40
C VAL A 309 3.72 -6.76 -11.12
N GLU A 310 3.01 -7.30 -12.09
CA GLU A 310 1.58 -7.69 -11.85
C GLU A 310 1.52 -8.86 -10.84
N GLN A 311 2.46 -9.80 -10.89
CA GLN A 311 2.43 -11.02 -10.02
C GLN A 311 3.12 -10.72 -8.66
N ALA A 312 3.73 -9.54 -8.49
CA ALA A 312 4.41 -9.18 -7.22
C ALA A 312 3.35 -9.28 -6.12
N ALA A 313 3.68 -9.98 -5.03
CA ALA A 313 2.85 -10.11 -3.82
C ALA A 313 3.65 -9.59 -2.61
N PHE A 314 3.21 -8.49 -2.01
CA PHE A 314 3.73 -8.00 -0.70
C PHE A 314 2.77 -8.42 0.42
N ALA A 315 3.29 -8.62 1.62
CA ALA A 315 2.54 -9.01 2.84
C ALA A 315 3.20 -8.34 4.06
N PRO A 316 2.49 -7.51 4.83
CA PRO A 316 3.06 -6.95 6.05
C PRO A 316 3.62 -8.01 7.03
N SER A 317 3.06 -9.21 6.95
CA SER A 317 3.50 -10.43 7.68
C SER A 317 4.91 -10.90 7.27
N ASN A 318 5.47 -10.40 6.17
CA ASN A 318 6.83 -10.79 5.69
C ASN A 318 7.85 -9.95 6.47
N LEU A 319 8.09 -10.40 7.68
CA LEU A 319 9.00 -9.75 8.67
C LEU A 319 10.20 -10.68 8.89
N VAL A 320 11.27 -10.13 9.45
CA VAL A 320 12.57 -10.83 9.66
C VAL A 320 12.99 -10.63 11.12
N PRO A 321 13.87 -11.47 11.67
CA PRO A 321 14.35 -11.26 13.04
C PRO A 321 14.88 -9.84 13.23
N GLY A 322 14.41 -9.19 14.30
CA GLY A 322 14.77 -7.80 14.63
C GLY A 322 13.79 -6.79 14.07
N ILE A 323 12.86 -7.19 13.21
CA ILE A 323 11.73 -6.30 12.79
C ILE A 323 10.42 -7.08 12.94
N SER A 324 9.48 -6.54 13.71
CA SER A 324 8.20 -7.24 13.99
C SER A 324 7.05 -6.23 14.04
N PHE A 325 5.89 -6.68 14.50
CA PHE A 325 4.60 -5.96 14.37
C PHE A 325 4.35 -5.14 15.66
N SER A 326 3.17 -4.53 15.74
CA SER A 326 2.60 -3.87 16.93
C SER A 326 1.12 -4.23 17.00
N PRO A 327 0.47 -3.93 18.14
CA PRO A 327 -0.98 -4.10 18.27
C PRO A 327 -1.83 -3.01 17.59
N ASP A 328 -1.28 -2.20 16.67
CA ASP A 328 -2.07 -1.32 15.75
C ASP A 328 -3.18 -2.19 15.14
N ARG A 329 -4.46 -1.88 15.34
CA ARG A 329 -5.55 -2.85 14.99
C ARG A 329 -5.62 -3.08 13.46
N MET A 330 -5.25 -2.06 12.69
CA MET A 330 -5.22 -2.11 11.21
C MET A 330 -4.06 -3.02 10.77
N LEU A 331 -2.85 -2.82 11.30
CA LEU A 331 -1.67 -3.64 10.96
C LEU A 331 -2.02 -5.09 11.23
N GLN A 332 -2.68 -5.33 12.36
CA GLN A 332 -2.99 -6.69 12.86
C GLN A 332 -3.83 -7.46 11.82
N ALA A 333 -4.75 -6.80 11.14
CA ALA A 333 -5.57 -7.49 10.11
C ALA A 333 -4.71 -7.76 8.87
N ARG A 334 -3.94 -6.77 8.41
CA ARG A 334 -3.07 -6.91 7.24
C ARG A 334 -2.09 -8.08 7.44
N LEU A 335 -1.76 -8.44 8.67
CA LEU A 335 -0.81 -9.54 8.97
C LEU A 335 -1.34 -10.85 8.38
N PHE A 336 -2.65 -11.00 8.14
CA PHE A 336 -3.19 -12.24 7.50
C PHE A 336 -3.85 -11.94 6.13
N ASN A 337 -4.34 -10.71 5.88
CA ASN A 337 -5.27 -10.49 4.75
C ASN A 337 -4.49 -10.52 3.42
N TYR A 338 -3.24 -10.07 3.39
CA TYR A 338 -2.41 -10.04 2.15
C TYR A 338 -2.01 -11.46 1.72
N ALA A 339 -1.51 -12.28 2.64
CA ALA A 339 -1.11 -13.64 2.25
C ALA A 339 -2.34 -14.34 1.67
N ASP A 340 -3.51 -14.08 2.23
CA ASP A 340 -4.77 -14.72 1.79
C ASP A 340 -5.17 -14.18 0.41
N ALA A 341 -5.16 -12.86 0.25
CA ALA A 341 -5.45 -12.19 -1.04
C ALA A 341 -4.55 -12.80 -2.13
N ALA A 342 -3.25 -12.99 -1.85
CA ALA A 342 -2.27 -13.51 -2.84
C ALA A 342 -2.57 -14.98 -3.14
N ARG A 343 -2.89 -15.83 -2.16
CA ARG A 343 -3.27 -17.24 -2.46
C ARG A 343 -4.36 -17.25 -3.56
N TYR A 344 -5.34 -16.35 -3.52
CA TYR A 344 -6.42 -16.30 -4.53
C TYR A 344 -5.90 -15.73 -5.85
N ARG A 345 -5.25 -14.56 -5.82
CA ARG A 345 -4.85 -13.77 -7.00
C ARG A 345 -3.70 -14.44 -7.79
N VAL A 346 -2.59 -14.85 -7.16
CA VAL A 346 -1.40 -15.42 -7.88
C VAL A 346 -1.16 -16.89 -7.55
N GLY A 347 -1.98 -17.51 -6.71
CA GLY A 347 -1.92 -18.96 -6.43
C GLY A 347 -1.20 -19.29 -5.13
N VAL A 348 -1.50 -20.44 -4.56
CA VAL A 348 -0.79 -20.91 -3.34
C VAL A 348 0.73 -21.02 -3.62
N ASN A 349 1.16 -21.29 -4.86
CA ASN A 349 2.61 -21.52 -5.16
C ASN A 349 3.25 -20.20 -5.64
N HIS A 350 2.69 -19.05 -5.27
CA HIS A 350 3.18 -17.74 -5.75
C HIS A 350 4.62 -17.44 -5.32
N TYR A 351 5.18 -18.12 -4.32
CA TYR A 351 6.60 -17.86 -3.92
C TYR A 351 7.58 -18.45 -4.97
N GLN A 352 7.15 -19.35 -5.87
CA GLN A 352 7.92 -19.78 -7.09
C GLN A 352 8.11 -18.58 -8.03
N ILE A 353 7.26 -17.58 -8.01
CA ILE A 353 7.42 -16.46 -8.96
C ILE A 353 8.70 -15.73 -8.58
N PRO A 354 9.66 -15.50 -9.49
CA PRO A 354 10.96 -14.91 -9.10
C PRO A 354 10.89 -13.62 -8.27
N VAL A 355 10.06 -12.63 -8.59
CA VAL A 355 10.02 -11.38 -7.77
C VAL A 355 9.61 -11.69 -6.31
N ASN A 356 8.88 -12.77 -6.06
CA ASN A 356 8.36 -13.09 -4.70
C ASN A 356 9.34 -14.00 -3.98
N ALA A 357 10.22 -14.68 -4.71
CA ALA A 357 11.00 -15.79 -4.14
C ALA A 357 12.04 -15.22 -3.17
N PRO A 358 12.32 -15.96 -2.10
CA PRO A 358 13.37 -15.57 -1.16
C PRO A 358 14.75 -15.80 -1.80
N ARG A 359 15.75 -15.01 -1.41
CA ARG A 359 17.14 -15.17 -1.91
C ARG A 359 18.03 -15.64 -0.77
N CYS A 360 17.52 -16.56 0.04
CA CYS A 360 18.19 -17.11 1.25
C CYS A 360 17.66 -18.53 1.35
N PRO A 361 18.16 -19.36 2.27
CA PRO A 361 17.64 -20.71 2.39
C PRO A 361 16.14 -20.70 2.75
N VAL A 362 15.39 -21.65 2.19
CA VAL A 362 13.94 -21.79 2.50
C VAL A 362 13.63 -23.26 2.74
N HIS A 363 13.04 -23.57 3.90
CA HIS A 363 12.58 -24.93 4.27
C HIS A 363 11.22 -24.84 4.97
N SER A 364 10.13 -24.59 4.23
CA SER A 364 8.74 -24.44 4.77
C SER A 364 7.97 -25.77 4.83
N ASN A 365 8.40 -26.82 4.14
CA ASN A 365 7.62 -28.07 3.94
C ASN A 365 6.23 -27.76 3.35
N ARG A 366 6.05 -26.64 2.68
CA ARG A 366 4.81 -26.42 1.89
C ARG A 366 4.75 -27.48 0.78
N ARG A 367 3.67 -28.25 0.69
CA ARG A 367 3.52 -29.34 -0.30
C ARG A 367 2.40 -29.05 -1.31
N ASP A 368 2.69 -29.39 -2.57
CA ASP A 368 1.72 -29.60 -3.66
C ASP A 368 1.12 -28.25 -4.04
N GLY A 369 -0.19 -28.19 -4.27
CA GLY A 369 -0.82 -26.99 -4.84
C GLY A 369 -0.71 -26.97 -6.35
N GLN A 370 -1.60 -26.22 -6.99
CA GLN A 370 -1.61 -26.13 -8.46
C GLN A 370 -0.29 -25.53 -8.92
N GLY A 371 0.26 -26.03 -10.03
CA GLY A 371 1.45 -25.43 -10.69
C GLY A 371 2.74 -25.59 -9.87
N ARG A 372 2.91 -26.71 -9.19
CA ARG A 372 4.16 -26.99 -8.45
C ARG A 372 5.24 -27.44 -9.45
N THR A 373 6.37 -26.76 -9.40
CA THR A 373 7.44 -26.64 -10.42
C THR A 373 8.82 -26.95 -9.84
N ASP A 374 9.02 -26.73 -8.53
CA ASP A 374 10.35 -26.43 -7.94
C ASP A 374 10.91 -27.65 -7.20
N GLY A 375 10.36 -28.85 -7.36
CA GLY A 375 10.83 -30.04 -6.61
C GLY A 375 9.85 -30.51 -5.55
N ASN A 376 9.07 -29.59 -4.95
CA ASN A 376 8.02 -29.96 -3.96
C ASN A 376 8.65 -30.65 -2.73
N TYR A 377 9.90 -30.28 -2.38
CA TYR A 377 10.69 -30.85 -1.24
C TYR A 377 10.88 -32.37 -1.43
N GLY A 378 10.78 -32.82 -2.68
CA GLY A 378 11.06 -34.20 -3.12
C GLY A 378 10.45 -35.23 -2.20
N ALA A 379 11.28 -36.17 -1.76
CA ALA A 379 10.91 -37.35 -0.96
C ALA A 379 11.17 -37.11 0.53
N LEU A 380 11.60 -35.92 0.94
CA LEU A 380 11.94 -35.69 2.36
C LEU A 380 10.73 -36.01 3.21
N PRO A 381 10.88 -36.51 4.45
CA PRO A 381 9.73 -36.72 5.34
C PRO A 381 8.99 -35.39 5.49
N HIS A 382 7.66 -35.43 5.59
CA HIS A 382 6.78 -34.25 5.38
C HIS A 382 5.98 -33.98 6.66
N TYR A 383 6.50 -34.38 7.81
CA TYR A 383 5.85 -34.20 9.13
C TYR A 383 6.93 -33.90 10.19
N GLU A 384 6.50 -33.26 11.26
CA GLU A 384 7.32 -32.85 12.43
C GLU A 384 6.39 -32.89 13.64
N PRO A 385 6.76 -33.50 14.78
CA PRO A 385 8.11 -34.02 15.00
C PRO A 385 8.42 -35.27 14.17
N ASN A 386 9.69 -35.44 13.78
CA ASN A 386 10.25 -36.65 13.10
C ASN A 386 11.53 -37.12 13.78
N SER A 387 11.95 -38.35 13.53
CA SER A 387 13.24 -38.89 14.03
C SER A 387 14.37 -38.62 13.02
N PHE A 388 14.28 -37.62 12.12
CA PHE A 388 15.20 -37.48 10.96
C PHE A 388 15.72 -36.04 10.78
N SER A 389 15.67 -35.20 11.82
CA SER A 389 16.29 -33.85 11.86
C SER A 389 15.78 -32.94 10.72
N GLN A 390 14.52 -33.15 10.32
CA GLN A 390 13.84 -32.36 9.25
C GLN A 390 12.92 -31.34 9.93
N TRP A 391 13.00 -30.09 9.46
CA TRP A 391 12.01 -29.03 9.80
C TRP A 391 12.17 -28.58 11.27
N GLN A 392 13.40 -28.42 11.75
CA GLN A 392 13.67 -28.12 13.19
C GLN A 392 13.42 -26.64 13.46
N GLU A 393 12.65 -26.33 14.50
CA GLU A 393 12.33 -24.94 14.84
C GLU A 393 13.62 -24.26 15.30
N GLN A 394 13.59 -22.94 15.34
CA GLN A 394 14.75 -22.06 15.59
C GLN A 394 14.43 -21.09 16.74
N PRO A 395 14.49 -21.57 18.02
CA PRO A 395 14.09 -20.78 19.18
C PRO A 395 14.92 -19.52 19.51
N GLN A 396 16.11 -19.41 18.96
CA GLN A 396 17.03 -18.28 19.25
C GLN A 396 16.38 -16.98 18.75
N TYR A 397 15.28 -17.04 18.05
CA TYR A 397 14.75 -15.82 17.39
C TYR A 397 13.48 -15.38 18.13
N LYS A 398 13.11 -16.14 19.14
CA LYS A 398 11.94 -15.84 19.97
C LYS A 398 11.97 -14.38 20.47
N GLU A 399 10.83 -13.70 20.39
CA GLU A 399 10.65 -12.31 20.86
C GLU A 399 10.35 -12.36 22.37
N PRO A 400 10.64 -11.28 23.12
CA PRO A 400 10.19 -11.18 24.49
C PRO A 400 8.67 -11.20 24.51
N PRO A 401 8.03 -11.69 25.58
CA PRO A 401 6.57 -11.58 25.73
C PRO A 401 6.05 -10.15 25.55
N LEU A 402 4.76 -10.00 25.17
CA LEU A 402 4.06 -8.70 25.05
C LEU A 402 2.97 -8.64 26.13
N LYS A 403 3.11 -7.67 27.03
CA LYS A 403 2.22 -7.43 28.20
C LYS A 403 0.84 -7.15 27.62
N ILE A 404 -0.20 -7.75 28.20
CA ILE A 404 -1.64 -7.54 27.86
C ILE A 404 -2.32 -7.02 29.12
N SER A 405 -3.16 -5.99 29.06
CA SER A 405 -4.12 -5.69 30.15
C SER A 405 -5.54 -5.55 29.63
N GLY A 406 -6.43 -6.34 30.19
CA GLY A 406 -7.84 -6.27 29.84
C GLY A 406 -8.27 -7.60 29.29
N ALA A 407 -9.57 -7.80 29.34
CA ALA A 407 -10.28 -9.00 28.87
C ALA A 407 -10.31 -8.94 27.34
N ALA A 408 -10.52 -10.08 26.74
CA ALA A 408 -10.89 -10.20 25.32
C ALA A 408 -12.29 -9.64 25.21
N ASP A 409 -12.48 -8.68 24.31
CA ASP A 409 -13.82 -8.08 24.10
C ASP A 409 -13.73 -7.19 22.86
N PHE A 410 -14.88 -6.66 22.43
CA PHE A 410 -14.92 -5.60 21.40
C PHE A 410 -14.75 -4.29 22.15
N TRP A 411 -13.57 -3.71 22.20
CA TRP A 411 -13.31 -2.50 23.01
C TRP A 411 -13.59 -1.28 22.14
N ASP A 412 -14.55 -0.47 22.52
CA ASP A 412 -14.94 0.77 21.78
C ASP A 412 -13.75 1.75 21.72
N TYR A 413 -13.14 1.86 20.55
CA TYR A 413 -12.06 2.81 20.22
C TYR A 413 -12.47 4.25 20.60
N ARG A 414 -13.75 4.59 20.48
CA ARG A 414 -14.20 5.98 20.73
C ARG A 414 -14.11 6.26 22.23
N GLU A 415 -14.31 5.27 23.13
CA GLU A 415 -14.08 5.37 24.61
CA GLU A 415 -14.09 5.44 24.60
C GLU A 415 -12.58 5.52 24.91
N ASP A 416 -11.73 4.75 24.22
CA ASP A 416 -10.26 4.71 24.43
C ASP A 416 -9.56 6.02 24.00
N ASP A 417 -9.81 6.52 22.79
CA ASP A 417 -9.19 7.77 22.27
C ASP A 417 -10.22 8.43 21.36
N ASN A 418 -10.45 9.72 21.57
CA ASN A 418 -11.38 10.49 20.73
C ASN A 418 -10.79 11.86 20.40
N ASP A 419 -9.46 11.98 20.30
CA ASP A 419 -8.75 13.16 19.79
C ASP A 419 -8.68 13.11 18.25
N TYR A 420 -9.81 13.36 17.61
CA TYR A 420 -9.95 13.34 16.14
C TYR A 420 -9.18 14.51 15.47
N PHE A 421 -9.03 15.66 16.12
CA PHE A 421 -8.80 16.92 15.37
C PHE A 421 -7.47 17.62 15.69
N SER A 422 -6.75 17.26 16.74
CA SER A 422 -5.57 18.08 17.15
C SER A 422 -4.51 17.96 16.07
N GLN A 423 -4.28 16.76 15.54
CA GLN A 423 -3.23 16.54 14.51
C GLN A 423 -3.60 17.22 13.19
N PRO A 424 -4.84 17.07 12.64
CA PRO A 424 -5.21 17.82 11.44
C PRO A 424 -5.17 19.33 11.67
N ARG A 425 -5.55 19.80 12.87
CA ARG A 425 -5.46 21.25 13.19
C ARG A 425 -3.99 21.70 13.10
N ALA A 426 -3.05 20.91 13.61
CA ALA A 426 -1.60 21.24 13.50
C ALA A 426 -1.22 21.37 12.02
N LEU A 427 -1.60 20.38 11.22
CA LEU A 427 -1.28 20.30 9.77
C LEU A 427 -1.89 21.50 9.05
N PHE A 428 -3.15 21.84 9.32
CA PHE A 428 -3.78 23.04 8.72
C PHE A 428 -2.94 24.28 9.03
N ASN A 429 -2.45 24.42 10.27
CA ASN A 429 -1.72 25.65 10.71
C ASN A 429 -0.27 25.62 10.17
N LEU A 430 0.27 24.49 9.76
CA LEU A 430 1.56 24.45 9.01
C LEU A 430 1.37 25.02 7.60
N MET A 431 0.18 24.94 7.04
CA MET A 431 0.01 25.26 5.59
C MET A 431 0.18 26.78 5.42
N ASN A 432 0.75 27.23 4.31
CA ASN A 432 0.72 28.65 3.88
C ASN A 432 -0.64 28.89 3.20
N ASP A 433 -0.94 30.14 2.85
CA ASP A 433 -2.27 30.59 2.37
C ASP A 433 -2.63 29.87 1.07
N GLN A 434 -1.69 29.71 0.13
CA GLN A 434 -1.95 28.99 -1.14
C GLN A 434 -2.38 27.56 -0.85
N GLN A 435 -1.60 26.86 -0.02
CA GLN A 435 -1.88 25.45 0.33
C GLN A 435 -3.25 25.38 1.00
N LYS A 436 -3.62 26.38 1.78
CA LYS A 436 -4.93 26.39 2.46
C LYS A 436 -6.03 26.52 1.42
N GLN A 437 -5.86 27.43 0.47
CA GLN A 437 -6.87 27.70 -0.59
C GLN A 437 -6.99 26.45 -1.46
N ALA A 438 -5.87 25.79 -1.80
CA ALA A 438 -5.82 24.48 -2.47
C ALA A 438 -6.67 23.43 -1.69
N LEU A 439 -6.38 23.26 -0.40
CA LEU A 439 -7.14 22.36 0.51
C LEU A 439 -8.64 22.66 0.39
N PHE A 440 -9.05 23.92 0.35
CA PHE A 440 -10.49 24.28 0.34
C PHE A 440 -11.07 23.93 -1.04
N ASP A 441 -10.37 24.33 -2.10
CA ASP A 441 -10.79 24.16 -3.51
C ASP A 441 -10.90 22.67 -3.88
N ASN A 442 -9.80 21.94 -3.70
CA ASN A 442 -9.70 20.46 -3.83
C ASN A 442 -10.85 19.78 -3.07
N THR A 443 -11.13 20.19 -1.82
CA THR A 443 -12.23 19.58 -1.01
C THR A 443 -13.61 19.79 -1.65
N ALA A 444 -13.93 21.01 -2.04
CA ALA A 444 -15.25 21.36 -2.64
C ALA A 444 -15.42 20.66 -4.01
N ALA A 445 -14.34 20.54 -4.78
CA ALA A 445 -14.33 19.82 -6.08
C ALA A 445 -14.59 18.33 -5.80
N ALA A 446 -13.90 17.71 -4.84
CA ALA A 446 -14.07 16.28 -4.56
C ALA A 446 -15.49 16.00 -4.05
N MET A 447 -16.09 16.93 -3.29
CA MET A 447 -17.42 16.64 -2.72
C MET A 447 -18.42 16.75 -3.87
N GLY A 448 -18.03 17.49 -4.91
CA GLY A 448 -18.83 17.69 -6.14
C GLY A 448 -20.31 17.79 -5.80
N ASP A 449 -21.09 16.80 -6.20
CA ASP A 449 -22.57 16.74 -6.12
C ASP A 449 -23.02 15.94 -4.89
N ALA A 450 -22.18 15.70 -3.88
CA ALA A 450 -22.63 14.93 -2.71
C ALA A 450 -23.87 15.64 -2.12
N LEU A 451 -24.84 14.89 -1.60
CA LEU A 451 -26.08 15.46 -0.99
C LEU A 451 -25.67 16.53 0.03
N ASP A 452 -26.54 17.49 0.27
CA ASP A 452 -26.22 18.72 1.03
C ASP A 452 -25.92 18.37 2.48
N PHE A 453 -26.66 17.44 3.08
CA PHE A 453 -26.53 17.07 4.51
C PHE A 453 -25.10 16.56 4.77
N ILE A 454 -24.48 16.00 3.72
CA ILE A 454 -23.10 15.44 3.78
C ILE A 454 -22.10 16.58 3.74
N LYS A 455 -22.31 17.55 2.87
CA LYS A 455 -21.47 18.78 2.80
C LYS A 455 -21.53 19.51 4.15
N TYR A 456 -22.73 19.58 4.74
CA TYR A 456 -22.94 20.26 6.04
C TYR A 456 -22.12 19.54 7.13
N ARG A 457 -22.17 18.22 7.11
CA ARG A 457 -21.45 17.35 8.06
C ARG A 457 -19.92 17.55 7.95
N HIS A 458 -19.38 17.59 6.74
CA HIS A 458 -17.93 17.83 6.58
C HIS A 458 -17.59 19.22 7.13
N ILE A 459 -18.41 20.23 6.83
CA ILE A 459 -18.14 21.62 7.29
C ILE A 459 -18.11 21.65 8.84
N ARG A 460 -19.12 21.05 9.51
CA ARG A 460 -19.15 20.92 10.99
C ARG A 460 -17.86 20.29 11.51
N ASN A 461 -17.50 19.09 11.03
CA ASN A 461 -16.26 18.36 11.45
C ASN A 461 -15.05 19.31 11.23
N CYS A 462 -14.96 20.00 10.10
CA CYS A 462 -13.79 20.86 9.75
C CYS A 462 -13.73 22.09 10.66
N TYR A 463 -14.87 22.61 11.09
CA TYR A 463 -14.98 23.80 11.97
C TYR A 463 -14.46 23.43 13.37
N ALA A 464 -14.99 22.34 13.92
CA ALA A 464 -14.48 21.66 15.13
C ALA A 464 -12.96 21.49 15.06
N CYS A 465 -12.37 21.16 13.92
CA CYS A 465 -10.91 20.98 13.80
C CYS A 465 -10.30 22.38 13.92
N ASP A 466 -10.84 23.34 13.19
CA ASP A 466 -10.33 24.73 13.25
C ASP A 466 -11.34 25.63 12.52
N PRO A 467 -11.91 26.63 13.23
CA PRO A 467 -12.86 27.57 12.64
C PRO A 467 -12.52 28.12 11.25
N ALA A 468 -11.23 28.37 10.94
CA ALA A 468 -10.77 28.91 9.65
C ALA A 468 -10.90 27.83 8.53
N TYR A 469 -10.72 26.56 8.90
CA TYR A 469 -10.79 25.36 8.03
C TYR A 469 -12.27 25.16 7.66
N GLY A 470 -13.15 25.11 8.66
CA GLY A 470 -14.60 25.06 8.43
C GLY A 470 -15.05 26.20 7.53
N GLU A 471 -14.51 27.41 7.71
CA GLU A 471 -14.97 28.59 6.94
C GLU A 471 -14.52 28.40 5.49
N GLY A 472 -13.27 28.06 5.27
CA GLY A 472 -12.68 28.04 3.91
C GLY A 472 -13.35 27.00 3.04
N VAL A 473 -13.67 25.88 3.68
CA VAL A 473 -14.37 24.72 3.07
C VAL A 473 -15.83 25.13 2.81
N ALA A 474 -16.52 25.68 3.79
CA ALA A 474 -17.95 26.08 3.63
C ALA A 474 -18.03 27.09 2.48
N LYS A 475 -17.05 27.96 2.38
CA LYS A 475 -17.10 29.06 1.39
C LYS A 475 -16.93 28.49 -0.01
N ALA A 476 -15.92 27.63 -0.18
CA ALA A 476 -15.55 26.99 -1.45
C ALA A 476 -16.69 26.07 -1.90
N LEU A 477 -17.51 25.56 -1.00
CA LEU A 477 -18.74 24.77 -1.29
C LEU A 477 -19.93 25.70 -1.58
N GLY A 478 -19.76 27.02 -1.56
CA GLY A 478 -20.86 28.02 -1.54
C GLY A 478 -21.88 27.79 -0.43
N MET A 479 -21.46 27.45 0.79
CA MET A 479 -22.38 27.32 1.94
C MET A 479 -21.89 28.19 3.11
N THR A 480 -22.59 28.19 4.25
CA THR A 480 -22.13 28.90 5.48
C THR A 480 -22.05 27.90 6.64
N VAL A 481 -21.19 28.20 7.60
CA VAL A 481 -21.04 27.32 8.81
C VAL A 481 -22.34 27.34 9.61
N ALA A 482 -23.01 28.49 9.66
CA ALA A 482 -24.32 28.62 10.35
C ALA A 482 -25.30 27.57 9.79
N ASP A 483 -25.46 27.47 8.46
CA ASP A 483 -26.40 26.48 7.86
C ASP A 483 -25.92 25.06 8.21
N ALA A 484 -24.61 24.83 8.16
CA ALA A 484 -24.01 23.53 8.52
C ALA A 484 -24.47 23.16 9.92
N GLN A 485 -24.32 24.12 10.84
CA GLN A 485 -24.70 23.95 12.27
C GLN A 485 -26.21 23.69 12.38
N ALA A 486 -27.04 24.46 11.70
CA ALA A 486 -28.52 24.32 11.75
C ALA A 486 -28.96 22.94 11.24
N ALA A 487 -28.18 22.29 10.38
CA ALA A 487 -28.57 21.04 9.69
C ALA A 487 -28.35 19.83 10.60
N ARG A 488 -27.54 19.96 11.66
CA ARG A 488 -27.17 18.85 12.56
C ARG A 488 -28.43 18.24 13.21
N ALA A 489 -29.43 19.08 13.49
CA ALA A 489 -30.64 18.63 14.23
C ALA A 489 -31.37 17.61 13.38
N THR A 490 -31.39 17.78 12.06
CA THR A 490 -32.15 16.89 11.17
C THR A 490 -31.20 15.95 10.42
N ASP A 491 -29.87 15.99 10.66
CA ASP A 491 -28.91 15.05 10.01
C ASP A 491 -29.51 13.66 10.08
N PRO A 492 -29.62 12.95 8.94
CA PRO A 492 -30.28 11.65 8.92
C PRO A 492 -29.50 10.54 9.61
N ALA A 493 -28.22 10.78 9.93
CA ALA A 493 -27.34 9.80 10.63
C ALA A 493 -27.52 9.92 12.15
N GLN A 494 -28.45 10.76 12.64
CA GLN A 494 -28.73 10.90 14.10
C GLN A 494 -28.82 9.49 14.70
N GLY A 495 -28.20 9.26 15.86
CA GLY A 495 -28.22 7.97 16.58
C GLY A 495 -26.94 7.18 16.40
N ASN A 496 -25.89 7.82 15.89
CA ASN A 496 -24.73 7.13 15.29
C ASN A 496 -23.45 7.70 15.91
N PRO A 497 -22.57 6.84 16.47
CA PRO A 497 -21.45 7.31 17.30
C PRO A 497 -20.40 8.25 16.65
N GLY A 498 -20.23 8.20 15.33
CA GLY A 498 -19.27 9.10 14.65
C GLY A 498 -19.90 10.41 14.27
N LEU A 499 -21.22 10.51 14.44
CA LEU A 499 -21.91 11.80 14.25
C LEU A 499 -21.67 12.61 15.51
N LEU A 500 -20.85 13.65 15.45
CA LEU A 500 -20.66 14.59 16.58
C LEU A 500 -21.75 15.68 16.53
PA NAP B . 6.94 18.80 12.05
O1A NAP B . 8.21 18.23 12.61
O2A NAP B . 6.82 20.29 11.63
O5B NAP B . 6.56 17.89 10.74
C5B NAP B . 5.55 18.36 9.87
C4B NAP B . 5.54 17.45 8.66
O4B NAP B . 4.34 17.73 7.92
C3B NAP B . 6.73 17.66 7.72
O3B NAP B . 7.51 16.47 7.67
C2B NAP B . 6.07 18.01 6.39
O2B NAP B . 6.66 17.39 5.27
C1B NAP B . 4.68 17.43 6.59
N9A NAP B . 3.64 17.97 5.72
C8A NAP B . 3.44 19.26 5.44
N7A NAP B . 2.38 19.35 4.64
C5A NAP B . 1.88 18.11 4.42
C6A NAP B . 0.75 17.51 3.66
N6A NAP B . -0.04 18.35 2.96
N1A NAP B . 0.60 16.14 3.68
C2A NAP B . 1.43 15.33 4.38
N3A NAP B . 2.46 15.79 5.11
C4A NAP B . 2.73 17.16 5.16
O3 NAP B . 5.66 18.56 13.03
PN NAP B . 5.18 17.35 14.00
O1N NAP B . 4.88 17.92 15.39
O2N NAP B . 6.12 16.18 13.82
O5D NAP B . 3.65 17.17 13.42
C5D NAP B . 2.65 18.22 13.20
C4D NAP B . 1.71 17.78 12.04
O4D NAP B . 2.40 17.54 10.80
C3D NAP B . 1.09 16.44 12.34
O3D NAP B . -0.06 16.61 13.14
C2D NAP B . 0.86 15.80 10.98
O2D NAP B . -0.40 16.17 10.43
C1D NAP B . 1.98 16.34 10.11
N1N NAP B . 3.02 15.32 9.82
C2N NAP B . 3.68 14.66 10.81
C3N NAP B . 4.64 13.67 10.51
C7N NAP B . 5.28 12.92 11.63
O7N NAP B . 5.50 11.69 11.48
N7N NAP B . 5.49 13.57 12.76
C4N NAP B . 4.95 13.35 9.19
C5N NAP B . 4.29 14.05 8.20
C6N NAP B . 3.32 15.00 8.52
P2B NAP B . 8.08 17.82 4.66
O1X NAP B . 7.88 19.34 4.60
O2X NAP B . 8.95 17.15 5.71
O3X NAP B . 8.28 17.12 3.29
CHA HEM C . -2.80 -3.63 -1.35
CHB HEM C . -5.85 -4.96 2.23
CHC HEM C . -4.36 -1.07 4.81
CHD HEM C . -0.81 -0.22 1.54
C1A HEM C . -3.86 -4.34 -0.62
C2A HEM C . -4.50 -5.55 -1.16
C3A HEM C . -5.37 -5.95 -0.08
C4A HEM C . -5.15 -4.93 0.96
CMA HEM C . -6.29 -7.13 -0.03
CAA HEM C . -4.23 -6.29 -2.44
CBA HEM C . -3.16 -7.37 -2.02
CGA HEM C . -2.70 -8.35 -3.10
O1A HEM C . -1.46 -8.57 -3.24
O2A HEM C . -3.61 -8.90 -3.79
C1B HEM C . -5.72 -3.97 3.31
C2B HEM C . -6.49 -4.09 4.55
C3B HEM C . -6.04 -2.92 5.29
C4B HEM C . -5.08 -2.28 4.41
CMB HEM C . -7.46 -5.17 4.87
CAB HEM C . -6.42 -2.42 6.66
CBB HEM C . -6.83 -3.57 7.49
C1C HEM C . -3.21 -0.49 4.15
C2C HEM C . -2.40 0.53 4.81
C3C HEM C . -1.38 0.80 3.83
C4C HEM C . -1.66 -0.11 2.73
CMC HEM C . -2.63 1.18 6.13
CAC HEM C . -0.18 1.63 3.94
CBC HEM C . 0.37 1.84 5.12
C1D HEM C . -1.05 -1.10 0.40
C2D HEM C . -0.16 -1.11 -0.77
C3D HEM C . -0.77 -2.13 -1.62
C4D HEM C . -1.90 -2.59 -0.85
CMD HEM C . 1.05 -0.27 -1.03
CAD HEM C . -0.30 -2.56 -2.94
CBD HEM C . 0.80 -3.59 -2.71
CGD HEM C . 1.35 -3.96 -4.07
O1D HEM C . 1.97 -3.05 -4.71
O2D HEM C . 1.14 -5.15 -4.46
NA HEM C . -4.27 -4.00 0.62
NB HEM C . -4.89 -2.91 3.26
NC HEM C . -2.75 -0.85 2.95
ND HEM C . -2.03 -1.99 0.34
FE HEM C . -3.53 -2.38 1.74
CL CL D . -10.81 -22.83 -17.10
UNK UNX E . -9.90 -16.88 -10.56
UNK UNX F . -7.78 -15.15 10.46
UNK UNX G . -7.28 -15.01 12.30
#